data_2NZ2
#
_entry.id   2NZ2
#
_cell.length_a   95.940
_cell.length_b   117.470
_cell.length_c   155.150
_cell.angle_alpha   90.00
_cell.angle_beta   90.00
_cell.angle_gamma   90.00
#
_symmetry.space_group_name_H-M   'F 2 2 2'
#
loop_
_entity.id
_entity.type
_entity.pdbx_description
1 polymer 'Argininosuccinate synthase'
2 non-polymer 'SODIUM ION'
3 non-polymer 'ASPARTIC ACID'
4 non-polymer CITRULLINE
5 water water
#
_entity_poly.entity_id   1
_entity_poly.type   'polypeptide(L)'
_entity_poly.pdbx_seq_one_letter_code
;SMSSKGSVVLAYSGGLDTSCILVWLKEQGYDVIAYLANIGQKEDFEEARKKALKLGAKKVFIEDVSREFVEEFIWPAIQS
SALYEDRYLLGTSLARPCIARKQVEIAQREGAKYVSHGATGKGNDQVRFELSCYSLAPQIKVIAPWRMPEFYNRFKGRND
LMEYAKQHGIPIPVTPKNPWSMDENLMHISYEAGILENPKNQAPPGLYTKTQDPAKAPNTPDILEIEFKKGVPVKVTNVK
DGTTHQTSLELFMYLNEVAGKHGVGRIDIVENRFIGMKSRGIYETPAGTILYHAHLDIEAFTMDREVRKIKQGLGLKFAE
LVYTGFWHSPECEFVRHCIAKSQERVEGKVQVSVLKGQVYILGRESPLSLYNEELVSMNVQGDYEPTDATGFININSLRL
KEYHRLQSKVTAK
;
_entity_poly.pdbx_strand_id   A
#
# COMPACT_ATOMS: atom_id res chain seq x y z
N LYS A 5 18.31 -29.45 4.65
CA LYS A 5 19.71 -28.97 4.43
C LYS A 5 19.93 -28.08 3.17
N GLY A 6 20.95 -27.23 3.26
CA GLY A 6 21.18 -26.17 2.30
C GLY A 6 20.88 -24.83 2.96
N SER A 7 20.91 -23.78 2.16
CA SER A 7 20.82 -22.43 2.63
C SER A 7 19.43 -21.86 2.29
N VAL A 8 18.85 -21.15 3.24
CA VAL A 8 17.53 -20.53 3.08
C VAL A 8 17.57 -19.05 3.42
N VAL A 9 16.97 -18.23 2.55
CA VAL A 9 16.80 -16.83 2.86
C VAL A 9 15.40 -16.63 3.44
N LEU A 10 15.36 -16.28 4.73
CA LEU A 10 14.13 -16.08 5.44
C LEU A 10 13.82 -14.59 5.55
N ALA A 11 12.64 -14.18 5.07
CA ALA A 11 12.14 -12.83 5.34
C ALA A 11 11.83 -12.73 6.83
N TYR A 12 12.69 -11.99 7.50
CA TYR A 12 12.75 -11.95 8.94
C TYR A 12 12.37 -10.56 9.40
N SER A 13 11.62 -10.46 10.48
CA SER A 13 11.22 -9.16 11.00
C SER A 13 11.68 -8.92 12.44
N GLY A 14 12.01 -10.00 13.14
CA GLY A 14 12.42 -9.91 14.53
C GLY A 14 11.33 -10.24 15.54
N GLY A 15 10.13 -10.55 15.08
CA GLY A 15 9.01 -10.87 15.97
C GLY A 15 9.00 -12.35 16.29
N LEU A 16 8.05 -12.75 17.15
CA LEU A 16 7.95 -14.13 17.63
C LEU A 16 7.90 -15.17 16.49
N ASP A 17 6.96 -15.04 15.56
CA ASP A 17 6.86 -16.01 14.44
C ASP A 17 8.22 -16.27 13.77
N THR A 18 8.84 -15.22 13.21
CA THR A 18 10.07 -15.33 12.38
C THR A 18 11.38 -15.55 13.16
N SER A 19 11.39 -15.17 14.44
CA SER A 19 12.42 -15.62 15.37
C SER A 19 12.34 -17.13 15.58
N CYS A 20 11.12 -17.65 15.76
CA CYS A 20 10.94 -19.08 16.01
C CYS A 20 11.28 -19.85 14.74
N ILE A 21 10.77 -19.37 13.61
CA ILE A 21 11.04 -20.00 12.29
C ILE A 21 12.55 -20.07 11.98
N LEU A 22 13.29 -19.01 12.27
CA LEU A 22 14.75 -19.02 12.15
C LEU A 22 15.34 -20.25 12.87
N VAL A 23 14.97 -20.40 14.15
CA VAL A 23 15.51 -21.46 15.00
C VAL A 23 15.05 -22.81 14.48
N TRP A 24 13.78 -22.89 14.09
CA TRP A 24 13.17 -24.13 13.56
C TRP A 24 13.84 -24.63 12.26
N LEU A 25 14.06 -23.76 11.29
CA LEU A 25 14.73 -24.10 10.02
C LEU A 25 16.18 -24.53 10.27
N LYS A 26 16.80 -23.91 11.27
CA LYS A 26 18.13 -24.26 11.73
C LYS A 26 18.09 -25.69 12.35
N GLU A 27 17.19 -25.94 13.29
CA GLU A 27 16.97 -27.30 13.81
C GLU A 27 16.69 -28.33 12.71
N GLN A 28 16.10 -27.90 11.59
CA GLN A 28 15.73 -28.83 10.51
C GLN A 28 16.88 -29.18 9.56
N GLY A 29 18.05 -28.55 9.74
CA GLY A 29 19.17 -28.79 8.83
C GLY A 29 19.70 -27.59 8.04
N TYR A 30 18.84 -26.60 7.79
CA TYR A 30 19.19 -25.42 6.98
C TYR A 30 20.18 -24.45 7.63
N ASP A 31 20.97 -23.80 6.78
CA ASP A 31 21.76 -22.61 7.12
C ASP A 31 20.85 -21.41 6.84
N VAL A 32 20.58 -20.58 7.85
CA VAL A 32 19.58 -19.55 7.67
C VAL A 32 20.22 -18.19 7.41
N ILE A 33 19.79 -17.54 6.31
CA ILE A 33 20.16 -16.15 6.01
C ILE A 33 19.00 -15.27 6.46
N ALA A 34 19.21 -14.43 7.46
CA ALA A 34 18.15 -13.57 7.95
C ALA A 34 18.10 -12.28 7.11
N TYR A 35 16.92 -11.99 6.56
CA TYR A 35 16.76 -10.86 5.65
C TYR A 35 15.75 -9.86 6.17
N LEU A 36 16.28 -8.71 6.56
CA LEU A 36 15.52 -7.65 7.17
C LEU A 36 15.29 -6.61 6.10
N ALA A 37 14.06 -6.53 5.62
CA ALA A 37 13.71 -5.48 4.70
C ALA A 37 13.39 -4.24 5.51
N ASN A 38 14.21 -3.19 5.34
CA ASN A 38 13.88 -1.89 5.92
C ASN A 38 13.04 -1.10 4.92
N ILE A 39 11.75 -0.99 5.25
CA ILE A 39 10.74 -0.42 4.38
C ILE A 39 9.95 0.70 5.09
N GLY A 40 10.61 1.38 6.02
CA GLY A 40 10.04 2.56 6.64
C GLY A 40 9.34 2.29 7.94
N GLN A 41 9.39 1.05 8.40
CA GLN A 41 8.93 0.71 9.73
C GLN A 41 9.88 1.25 10.81
N LYS A 42 9.48 1.10 12.08
CA LYS A 42 10.21 1.66 13.22
C LYS A 42 11.19 0.72 13.96
N GLU A 43 11.73 -0.29 13.27
CA GLU A 43 12.64 -1.26 13.89
C GLU A 43 14.00 -0.68 14.30
N ASP A 44 14.62 -1.29 15.30
CA ASP A 44 16.01 -1.10 15.63
C ASP A 44 16.68 -2.27 14.88
N PHE A 45 16.94 -2.05 13.60
CA PHE A 45 17.48 -3.08 12.69
C PHE A 45 18.79 -3.71 13.16
N GLU A 46 19.68 -2.90 13.71
CA GLU A 46 20.97 -3.35 14.24
C GLU A 46 20.81 -4.38 15.38
N GLU A 47 19.82 -4.17 16.24
CA GLU A 47 19.53 -5.08 17.33
C GLU A 47 18.84 -6.35 16.83
N ALA A 48 17.94 -6.18 15.87
CA ALA A 48 17.31 -7.30 15.19
C ALA A 48 18.36 -8.16 14.45
N ARG A 49 19.37 -7.50 13.88
CA ARG A 49 20.53 -8.19 13.35
C ARG A 49 21.30 -8.95 14.45
N LYS A 50 21.57 -8.29 15.58
CA LYS A 50 22.24 -8.95 16.71
C LYS A 50 21.44 -10.16 17.18
N LYS A 51 20.13 -9.96 17.39
CA LYS A 51 19.19 -11.04 17.75
C LYS A 51 19.22 -12.20 16.76
N ALA A 52 19.19 -11.92 15.47
CA ALA A 52 19.31 -12.96 14.42
C ALA A 52 20.61 -13.76 14.49
N LEU A 53 21.72 -13.10 14.81
CA LEU A 53 23.01 -13.80 14.94
C LEU A 53 23.06 -14.70 16.17
N LYS A 54 22.57 -14.17 17.28
CA LYS A 54 22.47 -14.91 18.55
C LYS A 54 21.63 -16.16 18.32
N LEU A 55 20.63 -16.03 17.44
CA LEU A 55 19.68 -17.11 17.14
C LEU A 55 20.24 -18.20 16.22
N GLY A 56 21.34 -17.90 15.53
CA GLY A 56 22.06 -18.90 14.75
C GLY A 56 22.08 -18.64 13.25
N ALA A 57 21.67 -17.45 12.83
CA ALA A 57 21.74 -17.04 11.44
C ALA A 57 23.17 -17.11 10.94
N LYS A 58 23.38 -17.74 9.78
CA LYS A 58 24.70 -17.74 9.12
C LYS A 58 25.08 -16.35 8.65
N LYS A 59 24.08 -15.49 8.42
CA LYS A 59 24.25 -14.24 7.67
C LYS A 59 23.04 -13.33 7.91
N VAL A 60 23.25 -12.02 7.87
CA VAL A 60 22.15 -11.05 8.03
C VAL A 60 22.24 -9.93 6.99
N PHE A 61 21.16 -9.77 6.23
CA PHE A 61 21.07 -8.67 5.28
C PHE A 61 19.99 -7.71 5.69
N ILE A 62 20.38 -6.47 5.96
CA ILE A 62 19.43 -5.41 6.17
C ILE A 62 19.45 -4.55 4.92
N GLU A 63 18.30 -4.51 4.25
CA GLU A 63 18.15 -3.79 3.00
C GLU A 63 17.19 -2.63 3.20
N ASP A 64 17.69 -1.43 2.91
CA ASP A 64 16.90 -0.24 2.97
C ASP A 64 16.30 -0.05 1.61
N VAL A 65 14.99 -0.20 1.58
CA VAL A 65 14.23 -0.48 0.39
C VAL A 65 13.14 0.62 0.25
N SER A 66 13.13 1.56 1.19
CA SER A 66 12.16 2.65 1.24
C SER A 66 12.04 3.53 -0.04
N ARG A 67 13.15 3.96 -0.60
CA ARG A 67 13.11 4.90 -1.74
C ARG A 67 12.53 4.26 -2.97
N GLU A 68 13.02 3.08 -3.31
CA GLU A 68 12.44 2.26 -4.37
C GLU A 68 10.99 1.80 -4.07
N PHE A 69 10.65 1.57 -2.81
CA PHE A 69 9.26 1.34 -2.45
C PHE A 69 8.33 2.50 -2.87
N VAL A 70 8.71 3.73 -2.52
CA VAL A 70 7.98 4.93 -2.94
C VAL A 70 7.91 5.06 -4.46
N GLU A 71 9.06 4.95 -5.11
CA GLU A 71 9.21 5.39 -6.50
C GLU A 71 8.75 4.36 -7.52
N GLU A 72 8.90 3.07 -7.19
CA GLU A 72 8.54 1.99 -8.12
C GLU A 72 7.22 1.32 -7.81
N PHE A 73 6.71 1.51 -6.59
CA PHE A 73 5.49 0.83 -6.14
C PHE A 73 4.35 1.79 -5.79
N ILE A 74 4.61 2.69 -4.84
CA ILE A 74 3.60 3.65 -4.40
C ILE A 74 3.22 4.64 -5.53
N TRP A 75 4.20 5.06 -6.31
CA TRP A 75 3.99 5.99 -7.43
C TRP A 75 3.02 5.45 -8.51
N PRO A 76 3.28 4.23 -9.03
CA PRO A 76 2.27 3.62 -9.92
C PRO A 76 0.89 3.39 -9.27
N ALA A 77 0.85 3.09 -7.97
CA ALA A 77 -0.41 2.96 -7.25
C ALA A 77 -1.22 4.28 -7.21
N ILE A 78 -0.54 5.40 -7.05
CA ILE A 78 -1.18 6.72 -7.12
C ILE A 78 -1.59 6.99 -8.55
N GLN A 79 -0.73 6.71 -9.52
CA GLN A 79 -1.13 6.89 -10.91
C GLN A 79 -2.48 6.20 -11.18
N SER A 80 -2.63 4.98 -10.64
CA SER A 80 -3.84 4.16 -10.82
C SER A 80 -5.18 4.78 -10.41
N SER A 81 -5.15 5.74 -9.49
CA SER A 81 -6.36 6.33 -8.84
C SER A 81 -7.38 5.32 -8.32
N ALA A 82 -6.94 4.18 -7.80
CA ALA A 82 -7.91 3.13 -7.47
C ALA A 82 -7.70 2.57 -6.07
N LEU A 83 -8.79 2.05 -5.52
CA LEU A 83 -8.86 1.50 -4.16
C LEU A 83 -9.37 0.06 -4.24
N TYR A 84 -8.72 -0.87 -3.56
CA TYR A 84 -9.25 -2.23 -3.51
C TYR A 84 -10.59 -2.19 -2.87
N GLU A 85 -11.59 -2.66 -3.59
CA GLU A 85 -12.99 -2.70 -3.09
C GLU A 85 -13.48 -1.35 -2.52
N ASP A 86 -13.08 -0.28 -3.18
CA ASP A 86 -13.51 1.09 -2.92
C ASP A 86 -13.07 1.69 -1.60
N ARG A 87 -12.15 1.00 -0.90
CA ARG A 87 -11.73 1.43 0.43
C ARG A 87 -10.26 1.29 0.75
N TYR A 88 -9.66 0.19 0.35
CA TYR A 88 -8.28 -0.15 0.73
C TYR A 88 -7.23 0.43 -0.21
N LEU A 89 -6.34 1.24 0.35
CA LEU A 89 -5.25 1.90 -0.37
C LEU A 89 -4.00 1.04 -0.55
N LEU A 90 -4.08 -0.22 -0.14
CA LEU A 90 -3.10 -1.24 -0.55
C LEU A 90 -1.72 -1.19 0.12
N GLY A 91 -1.61 -0.54 1.28
CA GLY A 91 -0.32 -0.29 1.92
C GLY A 91 0.62 -1.48 2.05
N THR A 92 0.13 -2.57 2.62
CA THR A 92 0.86 -3.84 2.78
C THR A 92 0.95 -4.61 1.48
N SER A 93 -0.10 -4.50 0.67
CA SER A 93 -0.16 -5.27 -0.56
C SER A 93 0.92 -4.82 -1.56
N LEU A 94 1.14 -3.52 -1.65
CA LEU A 94 2.24 -2.91 -2.40
C LEU A 94 3.66 -3.27 -1.93
N ALA A 95 3.81 -3.57 -0.64
CA ALA A 95 5.15 -3.74 -0.04
C ALA A 95 5.75 -5.08 -0.33
N ARG A 96 4.89 -6.10 -0.39
CA ARG A 96 5.34 -7.50 -0.54
C ARG A 96 6.20 -7.78 -1.77
N PRO A 97 5.78 -7.32 -2.97
CA PRO A 97 6.58 -7.50 -4.20
C PRO A 97 7.92 -6.75 -4.14
N CYS A 98 7.93 -5.66 -3.38
CA CYS A 98 9.16 -4.94 -3.10
C CYS A 98 10.09 -5.77 -2.21
N ILE A 99 9.52 -6.46 -1.23
CA ILE A 99 10.28 -7.27 -0.29
C ILE A 99 10.71 -8.59 -0.95
N ALA A 100 9.78 -9.23 -1.62
CA ALA A 100 10.02 -10.53 -2.27
C ALA A 100 11.11 -10.48 -3.35
N ARG A 101 11.14 -9.37 -4.08
CA ARG A 101 12.05 -9.15 -5.21
C ARG A 101 13.51 -9.06 -4.74
N LYS A 102 13.72 -8.37 -3.62
CA LYS A 102 15.01 -8.26 -2.98
C LYS A 102 15.42 -9.56 -2.32
N GLN A 103 14.44 -10.32 -1.86
CA GLN A 103 14.71 -11.61 -1.26
C GLN A 103 15.23 -12.62 -2.28
N VAL A 104 14.52 -12.73 -3.41
CA VAL A 104 14.96 -13.51 -4.58
C VAL A 104 16.37 -13.07 -5.05
N GLU A 105 16.60 -11.76 -5.08
CA GLU A 105 17.88 -11.20 -5.47
C GLU A 105 19.02 -11.63 -4.54
N ILE A 106 18.74 -11.65 -3.23
CA ILE A 106 19.71 -12.07 -2.23
C ILE A 106 19.93 -13.58 -2.34
N ALA A 107 18.87 -14.32 -2.65
CA ALA A 107 18.96 -15.78 -2.71
C ALA A 107 19.79 -16.25 -3.90
N GLN A 108 19.61 -15.58 -5.04
CA GLN A 108 20.31 -15.98 -6.26
C GLN A 108 21.75 -15.54 -6.20
N ARG A 109 22.00 -14.45 -5.48
CA ARG A 109 23.36 -14.01 -5.27
C ARG A 109 24.13 -14.98 -4.40
N GLU A 110 23.50 -15.40 -3.29
CA GLU A 110 24.09 -16.32 -2.32
C GLU A 110 24.20 -17.76 -2.83
N GLY A 111 23.47 -18.11 -3.88
CA GLY A 111 23.39 -19.49 -4.35
C GLY A 111 22.52 -20.34 -3.44
N ALA A 112 21.55 -19.69 -2.80
CA ALA A 112 20.60 -20.31 -1.87
C ALA A 112 19.46 -20.96 -2.65
N LYS A 113 19.16 -22.24 -2.37
CA LYS A 113 18.10 -22.96 -3.12
C LYS A 113 16.67 -22.66 -2.66
N TYR A 114 16.56 -22.08 -1.46
CA TYR A 114 15.27 -21.90 -0.78
C TYR A 114 15.12 -20.48 -0.25
N VAL A 115 13.87 -20.03 -0.24
CA VAL A 115 13.44 -18.81 0.44
C VAL A 115 12.34 -19.24 1.40
N SER A 116 11.98 -18.35 2.33
CA SER A 116 11.06 -18.69 3.41
C SER A 116 10.42 -17.41 3.97
N HIS A 117 9.29 -17.56 4.66
CA HIS A 117 8.51 -16.45 5.23
C HIS A 117 7.59 -16.95 6.36
N GLY A 118 7.17 -16.02 7.24
CA GLY A 118 6.33 -16.35 8.38
C GLY A 118 4.86 -15.96 8.25
N ALA A 119 4.40 -15.73 7.02
CA ALA A 119 2.98 -15.48 6.75
C ALA A 119 2.12 -16.70 7.10
N THR A 120 0.91 -16.45 7.59
CA THR A 120 -0.01 -17.53 7.99
C THR A 120 -0.74 -18.18 6.79
N GLY A 121 -1.34 -19.34 7.04
CA GLY A 121 -1.95 -20.18 6.00
C GLY A 121 -3.27 -19.65 5.46
N LYS A 122 -3.82 -18.63 6.11
CA LYS A 122 -5.11 -18.07 5.80
C LYS A 122 -4.99 -16.63 5.25
N GLY A 123 -3.75 -16.16 5.07
CA GLY A 123 -3.52 -14.80 4.59
C GLY A 123 -3.35 -14.55 3.09
N ASN A 124 -3.21 -13.26 2.80
CA ASN A 124 -2.87 -12.75 1.45
C ASN A 124 -1.39 -12.73 1.24
N ASP A 125 -0.62 -12.41 2.27
CA ASP A 125 0.83 -12.18 2.11
C ASP A 125 1.61 -13.42 1.68
N GLN A 126 1.17 -14.61 2.11
CA GLN A 126 1.83 -15.85 1.71
C GLN A 126 1.85 -15.91 0.19
N VAL A 127 0.72 -15.58 -0.40
CA VAL A 127 0.49 -15.58 -1.83
C VAL A 127 1.38 -14.55 -2.53
N ARG A 128 1.46 -13.36 -1.95
CA ARG A 128 2.17 -12.25 -2.58
C ARG A 128 3.66 -12.52 -2.65
N PHE A 129 4.25 -12.93 -1.52
CA PHE A 129 5.67 -13.29 -1.44
C PHE A 129 5.98 -14.35 -2.49
N GLU A 130 5.20 -15.43 -2.46
CA GLU A 130 5.54 -16.63 -3.20
C GLU A 130 5.24 -16.49 -4.67
N LEU A 131 4.17 -15.78 -5.06
CA LEU A 131 3.91 -15.52 -6.50
C LEU A 131 5.02 -14.71 -7.15
N SER A 132 5.54 -13.71 -6.44
CA SER A 132 6.69 -12.90 -6.91
C SER A 132 7.99 -13.71 -6.98
N CYS A 133 8.21 -14.57 -5.99
CA CYS A 133 9.39 -15.43 -5.97
C CYS A 133 9.43 -16.38 -7.18
N TYR A 134 8.34 -17.12 -7.39
CA TYR A 134 8.21 -18.00 -8.54
C TYR A 134 8.24 -17.22 -9.85
N SER A 135 7.54 -16.09 -9.91
CA SER A 135 7.50 -15.32 -11.14
C SER A 135 8.88 -14.85 -11.54
N LEU A 136 9.67 -14.40 -10.57
CA LEU A 136 11.00 -13.86 -10.82
C LEU A 136 12.08 -14.92 -10.89
N ALA A 137 11.86 -16.03 -10.18
CA ALA A 137 12.79 -17.16 -10.16
C ALA A 137 12.00 -18.45 -10.11
N PRO A 138 11.59 -18.95 -11.28
CA PRO A 138 10.77 -20.18 -11.36
C PRO A 138 11.34 -21.41 -10.64
N GLN A 139 12.66 -21.50 -10.51
CA GLN A 139 13.25 -22.66 -9.86
C GLN A 139 13.44 -22.56 -8.34
N ILE A 140 13.18 -21.40 -7.71
CA ILE A 140 13.37 -21.36 -6.23
C ILE A 140 12.37 -22.25 -5.51
N LYS A 141 12.73 -22.65 -4.31
CA LYS A 141 11.84 -23.47 -3.52
C LYS A 141 11.42 -22.64 -2.32
N VAL A 142 10.18 -22.84 -1.89
CA VAL A 142 9.67 -22.13 -0.76
C VAL A 142 9.49 -23.07 0.42
N ILE A 143 9.86 -22.57 1.60
CA ILE A 143 9.46 -23.17 2.87
C ILE A 143 8.53 -22.19 3.59
N ALA A 144 7.28 -22.59 3.73
CA ALA A 144 6.26 -21.82 4.42
C ALA A 144 5.75 -22.67 5.61
N PRO A 145 6.47 -22.61 6.75
CA PRO A 145 6.22 -23.44 7.95
C PRO A 145 4.73 -23.52 8.36
N TRP A 146 4.05 -22.37 8.38
CA TRP A 146 2.62 -22.33 8.67
C TRP A 146 1.72 -23.21 7.75
N ARG A 147 2.30 -23.75 6.67
CA ARG A 147 1.61 -24.70 5.79
C ARG A 147 2.22 -26.11 5.87
N MET A 148 3.26 -26.23 6.69
CA MET A 148 3.84 -27.53 6.99
C MET A 148 3.18 -28.18 8.21
N PRO A 149 2.57 -29.35 8.03
CA PRO A 149 2.00 -30.11 9.16
C PRO A 149 2.95 -30.29 10.35
N GLU A 150 4.17 -30.78 10.11
CA GLU A 150 5.16 -30.93 11.20
C GLU A 150 5.28 -29.66 12.08
N PHE A 151 5.02 -28.49 11.50
CA PHE A 151 5.15 -27.19 12.16
C PHE A 151 3.80 -26.68 12.70
N TYR A 152 2.78 -26.61 11.86
CA TYR A 152 1.54 -25.93 12.27
C TYR A 152 0.65 -26.71 13.25
N ASN A 153 0.74 -28.03 13.22
CA ASN A 153 0.06 -28.88 14.21
C ASN A 153 0.77 -28.88 15.58
N ARG A 154 2.08 -28.60 15.61
CA ARG A 154 2.79 -28.41 16.86
C ARG A 154 2.53 -27.03 17.53
N PHE A 155 2.40 -25.98 16.76
CA PHE A 155 2.13 -24.68 17.31
C PHE A 155 0.79 -24.28 16.87
N LYS A 156 -0.12 -24.92 17.55
CA LYS A 156 -1.50 -24.82 17.43
C LYS A 156 -1.96 -23.47 17.90
N ARG A 158 -0.29 -19.69 19.48
CA ARG A 158 0.50 -18.49 19.81
C ARG A 158 1.16 -18.57 21.19
N ASN A 159 0.47 -19.25 22.12
CA ASN A 159 1.05 -19.60 23.41
C ASN A 159 1.89 -20.88 23.31
N ASP A 160 1.66 -21.67 22.27
CA ASP A 160 2.51 -22.82 21.99
C ASP A 160 3.82 -22.32 21.38
N LEU A 161 3.73 -21.25 20.57
CA LEU A 161 4.91 -20.58 20.00
C LEU A 161 5.75 -19.88 21.07
N MET A 162 5.09 -19.19 22.01
CA MET A 162 5.74 -18.57 23.18
C MET A 162 6.54 -19.57 24.00
N GLU A 163 5.97 -20.77 24.18
CA GLU A 163 6.65 -21.82 24.89
C GLU A 163 7.88 -22.29 24.13
N TYR A 164 7.74 -22.37 22.81
CA TYR A 164 8.82 -22.82 21.95
C TYR A 164 10.01 -21.85 22.09
N ALA A 165 9.67 -20.56 22.06
CA ALA A 165 10.64 -19.50 22.30
C ALA A 165 11.37 -19.71 23.63
N LYS A 166 10.60 -19.86 24.70
CA LYS A 166 11.17 -20.00 26.05
C LYS A 166 12.09 -21.20 26.14
N GLN A 167 11.71 -22.29 25.47
CA GLN A 167 12.45 -23.57 25.51
C GLN A 167 13.74 -23.54 24.70
N HIS A 168 13.80 -22.66 23.69
CA HIS A 168 15.01 -22.45 22.91
C HIS A 168 15.74 -21.15 23.25
N GLY A 169 15.33 -20.49 24.33
CA GLY A 169 15.95 -19.23 24.74
C GLY A 169 15.77 -18.14 23.70
N ILE A 170 14.61 -18.09 23.05
CA ILE A 170 14.34 -16.98 22.16
C ILE A 170 13.80 -15.84 23.01
N PRO A 171 14.47 -14.67 22.97
CA PRO A 171 14.06 -13.51 23.77
C PRO A 171 12.68 -12.99 23.39
N ILE A 172 11.90 -12.62 24.38
CA ILE A 172 10.65 -11.95 24.23
C ILE A 172 10.80 -10.56 24.74
N PRO A 173 10.69 -9.57 23.89
CA PRO A 173 10.53 -8.21 24.37
C PRO A 173 9.45 -8.12 25.44
N VAL A 174 9.61 -7.14 26.29
CA VAL A 174 8.74 -6.88 27.40
C VAL A 174 7.69 -5.81 27.19
N THR A 175 7.26 -5.49 25.97
CA THR A 175 6.78 -4.14 25.63
C THR A 175 5.26 -3.97 25.60
N PRO A 176 4.57 -4.71 26.48
CA PRO A 176 3.82 -5.94 26.14
C PRO A 176 2.83 -6.03 24.96
N LYS A 177 2.51 -7.28 24.62
CA LYS A 177 1.67 -7.63 23.47
C LYS A 177 0.33 -6.89 23.45
N ASN A 178 -0.16 -6.67 22.26
CA ASN A 178 -1.46 -6.09 22.05
C ASN A 178 -2.30 -7.26 21.57
N PRO A 179 -3.61 -7.29 21.90
CA PRO A 179 -4.46 -8.39 21.40
C PRO A 179 -4.89 -8.20 19.93
N TRP A 180 -3.90 -7.89 19.09
CA TRP A 180 -4.01 -7.85 17.63
C TRP A 180 -2.60 -7.94 17.03
N SER A 181 -2.54 -8.25 15.73
CA SER A 181 -1.28 -8.18 14.99
C SER A 181 -1.21 -6.88 14.17
N MET A 182 0.02 -6.38 13.99
CA MET A 182 0.30 -5.14 13.24
C MET A 182 1.14 -5.42 12.00
N ASP A 183 0.85 -4.71 10.90
CA ASP A 183 1.81 -4.61 9.81
C ASP A 183 2.09 -3.15 9.50
N GLU A 184 3.35 -2.77 9.58
CA GLU A 184 3.77 -1.40 9.43
C GLU A 184 4.82 -1.31 8.36
N ASN A 185 4.68 -0.28 7.52
CA ASN A 185 5.72 0.14 6.59
C ASN A 185 5.63 1.64 6.42
N LEU A 186 6.34 2.16 5.43
CA LEU A 186 6.34 3.59 5.12
C LEU A 186 4.94 4.13 4.75
N MET A 187 4.11 3.29 4.12
CA MET A 187 2.84 3.73 3.56
C MET A 187 1.66 3.71 4.54
N HIS A 188 1.72 2.81 5.52
CA HIS A 188 0.60 2.63 6.41
C HIS A 188 0.94 1.81 7.63
N ILE A 189 -0.06 1.65 8.47
CA ILE A 189 -0.05 0.58 9.46
C ILE A 189 -1.41 -0.12 9.42
N SER A 190 -1.36 -1.45 9.51
CA SER A 190 -2.55 -2.28 9.54
C SER A 190 -2.67 -3.09 10.85
N TYR A 191 -3.83 -3.19 11.40
CA TYR A 191 -4.06 -3.98 12.54
C TYR A 191 -5.18 -4.94 12.26
N GLU A 192 -5.03 -6.22 12.60
CA GLU A 192 -6.00 -7.25 12.18
C GLU A 192 -6.52 -8.44 12.96
N ALA A 193 -5.66 -9.10 13.78
CA ALA A 193 -6.32 -10.21 14.42
C ALA A 193 -6.84 -9.91 15.81
N GLY A 194 -6.97 -10.93 16.65
CA GLY A 194 -7.25 -10.75 18.06
C GLY A 194 -8.62 -10.20 18.23
N ILE A 195 -8.74 -9.11 18.94
CA ILE A 195 -10.02 -8.57 19.27
C ILE A 195 -10.83 -7.98 18.16
N LEU A 196 -10.19 -7.77 17.03
CA LEU A 196 -10.72 -7.05 15.92
C LEU A 196 -11.41 -7.96 15.01
N GLU A 197 -11.26 -9.26 15.28
CA GLU A 197 -11.90 -10.35 14.56
C GLU A 197 -13.43 -10.35 14.75
N ASN A 198 -13.92 -9.71 15.80
CA ASN A 198 -15.35 -9.50 15.98
C ASN A 198 -15.68 -8.13 15.35
N PRO A 199 -16.30 -8.12 14.15
CA PRO A 199 -16.45 -6.89 13.36
C PRO A 199 -17.47 -5.94 13.97
N LYS A 200 -18.17 -6.43 14.99
CA LYS A 200 -19.03 -5.61 15.82
C LYS A 200 -18.23 -4.78 16.82
N ASN A 201 -17.09 -5.31 17.26
CA ASN A 201 -16.24 -4.61 18.22
C ASN A 201 -15.42 -3.45 17.62
N GLN A 202 -15.46 -2.34 18.34
CA GLN A 202 -14.82 -1.08 17.95
C GLN A 202 -13.34 -1.04 18.39
N ALA A 203 -12.47 -0.47 17.55
CA ALA A 203 -11.07 -0.25 17.93
C ALA A 203 -11.01 0.50 19.25
N PRO A 204 -10.20 0.00 20.21
CA PRO A 204 -9.98 0.77 21.44
C PRO A 204 -9.11 2.00 21.09
N PRO A 205 -9.23 3.10 21.86
CA PRO A 205 -8.52 4.33 21.46
C PRO A 205 -6.99 4.20 21.38
N GLY A 206 -6.41 3.40 22.27
CA GLY A 206 -4.96 3.14 22.29
C GLY A 206 -4.46 2.33 21.11
N LEU A 207 -5.35 1.98 20.20
CA LEU A 207 -4.99 1.20 19.01
C LEU A 207 -4.19 2.10 18.01
N TYR A 208 -4.61 3.34 17.90
CA TYR A 208 -4.16 4.23 16.85
C TYR A 208 -2.82 4.89 17.15
N THR A 209 -1.77 4.35 16.54
CA THR A 209 -0.41 4.76 16.82
C THR A 209 0.20 5.79 15.83
N LYS A 210 -0.31 5.85 14.60
CA LYS A 210 0.29 6.69 13.55
C LYS A 210 -0.44 8.00 13.30
N THR A 211 -1.76 8.01 13.53
CA THR A 211 -2.56 9.23 13.39
C THR A 211 -3.04 9.77 14.75
N GLN A 212 -2.99 11.07 14.93
CA GLN A 212 -3.69 11.76 16.00
C GLN A 212 -5.17 11.48 15.96
N ASP A 213 -5.74 11.33 17.12
CA ASP A 213 -7.16 11.39 17.36
C ASP A 213 -7.69 12.68 16.84
N PRO A 214 -8.71 12.61 16.00
CA PRO A 214 -9.24 13.84 15.40
C PRO A 214 -9.77 14.84 16.40
N ALA A 215 -10.18 14.38 17.57
CA ALA A 215 -10.41 15.25 18.72
C ALA A 215 -9.24 15.86 19.47
N LYS A 216 -8.05 15.42 19.19
CA LYS A 216 -6.87 16.05 19.80
C LYS A 216 -6.04 16.86 18.79
N ALA A 217 -6.41 16.71 17.51
CA ALA A 217 -5.68 17.28 16.39
C ALA A 217 -5.70 18.83 16.38
N PRO A 218 -4.66 19.48 15.80
CA PRO A 218 -4.58 20.94 15.75
C PRO A 218 -5.83 21.69 15.30
N ASN A 219 -6.01 22.88 15.86
CA ASN A 219 -7.18 23.71 15.56
C ASN A 219 -7.04 24.48 14.21
N THR A 220 -5.79 24.86 13.89
CA THR A 220 -5.41 25.46 12.60
C THR A 220 -5.03 24.34 11.61
N PRO A 221 -5.52 24.41 10.35
CA PRO A 221 -5.12 23.45 9.32
C PRO A 221 -3.69 23.62 8.83
N ASP A 222 -3.17 22.62 8.13
CA ASP A 222 -1.94 22.79 7.37
C ASP A 222 -2.36 22.92 5.91
N ILE A 223 -1.97 24.01 5.27
CA ILE A 223 -2.32 24.14 3.88
C ILE A 223 -1.07 23.93 3.03
N LEU A 224 -1.16 22.94 2.16
CA LEU A 224 -0.04 22.48 1.35
C LEU A 224 -0.35 22.65 -0.11
N GLU A 225 0.72 22.85 -0.88
CA GLU A 225 0.62 22.87 -2.31
C GLU A 225 1.40 21.66 -2.81
N ILE A 226 0.70 20.76 -3.52
CA ILE A 226 1.34 19.55 -4.05
C ILE A 226 1.46 19.62 -5.56
N GLU A 227 2.69 19.43 -6.05
CA GLU A 227 2.97 19.46 -7.46
C GLU A 227 3.16 18.04 -7.98
N PHE A 228 2.54 17.77 -9.13
CA PHE A 228 2.60 16.51 -9.81
C PHE A 228 3.28 16.68 -11.14
N LYS A 229 3.90 15.60 -11.59
CA LYS A 229 4.37 15.48 -12.97
C LYS A 229 4.31 14.03 -13.33
N LYS A 230 3.67 13.73 -14.46
CA LYS A 230 3.49 12.35 -14.93
C LYS A 230 2.71 11.52 -13.90
N GLY A 231 1.76 12.17 -13.23
CA GLY A 231 0.84 11.48 -12.30
C GLY A 231 1.32 11.20 -10.88
N VAL A 232 2.54 11.65 -10.56
CA VAL A 232 3.18 11.39 -9.25
C VAL A 232 3.69 12.70 -8.65
N PRO A 233 3.70 12.81 -7.31
CA PRO A 233 4.09 14.07 -6.67
C PRO A 233 5.58 14.28 -6.78
N VAL A 234 5.96 15.52 -7.12
CA VAL A 234 7.35 15.88 -7.26
C VAL A 234 7.71 16.99 -6.28
N LYS A 235 6.72 17.71 -5.77
CA LYS A 235 6.97 18.80 -4.83
C LYS A 235 5.86 18.93 -3.82
N VAL A 236 6.27 19.15 -2.57
CA VAL A 236 5.34 19.55 -1.52
C VAL A 236 5.88 20.81 -0.86
N THR A 237 5.06 21.85 -0.82
CA THR A 237 5.39 23.06 -0.07
C THR A 237 4.28 23.47 0.90
N ASN A 238 4.66 23.75 2.14
CA ASN A 238 3.71 24.28 3.13
C ASN A 238 3.52 25.75 2.83
N VAL A 239 2.26 26.15 2.58
CA VAL A 239 1.94 27.53 2.17
C VAL A 239 2.26 28.55 3.28
N LYS A 240 2.01 28.18 4.53
CA LYS A 240 2.29 29.03 5.68
C LYS A 240 3.77 29.06 5.98
N ASP A 241 4.27 27.98 6.59
CA ASP A 241 5.63 27.97 7.17
C ASP A 241 6.80 27.80 6.20
N GLY A 242 6.50 27.56 4.92
CA GLY A 242 7.54 27.57 3.88
C GLY A 242 8.33 26.30 3.64
N THR A 243 8.11 25.27 4.45
CA THR A 243 8.78 23.97 4.30
C THR A 243 8.62 23.40 2.88
N THR A 244 9.72 22.94 2.30
CA THR A 244 9.68 22.42 0.94
C THR A 244 10.45 21.10 0.80
N HIS A 245 9.83 20.16 0.11
CA HIS A 245 10.47 18.89 -0.22
C HIS A 245 10.27 18.56 -1.71
N GLN A 246 11.38 18.38 -2.43
CA GLN A 246 11.33 18.15 -3.87
C GLN A 246 11.99 16.85 -4.30
N THR A 247 12.14 15.92 -3.35
CA THR A 247 12.54 14.55 -3.64
C THR A 247 11.51 13.59 -3.05
N SER A 248 11.33 12.45 -3.70
CA SER A 248 10.23 11.49 -3.47
C SER A 248 10.04 11.01 -2.05
N LEU A 249 11.05 10.38 -1.47
CA LEU A 249 10.93 9.79 -0.12
C LEU A 249 10.68 10.87 0.94
N GLU A 250 11.41 11.98 0.81
CA GLU A 250 11.37 13.08 1.77
C GLU A 250 9.98 13.79 1.78
N LEU A 251 9.39 14.01 0.59
CA LEU A 251 8.04 14.61 0.50
C LEU A 251 6.96 13.67 1.05
N PHE A 252 7.10 12.39 0.73
CA PHE A 252 6.20 11.37 1.24
C PHE A 252 6.18 11.31 2.79
N MET A 253 7.36 11.26 3.42
CA MET A 253 7.46 11.25 4.89
C MET A 253 6.91 12.53 5.51
N TYR A 254 7.18 13.68 4.89
CA TYR A 254 6.60 14.94 5.35
C TYR A 254 5.08 14.96 5.28
N LEU A 255 4.53 14.34 4.23
CA LEU A 255 3.08 14.15 4.11
C LEU A 255 2.52 13.15 5.13
N ASN A 256 3.30 12.14 5.50
CA ASN A 256 2.92 11.22 6.59
C ASN A 256 2.83 11.97 7.91
N GLU A 257 3.80 12.85 8.11
CA GLU A 257 4.01 13.60 9.34
C GLU A 257 2.96 14.70 9.46
N VAL A 258 2.64 15.33 8.33
CA VAL A 258 1.54 16.31 8.27
C VAL A 258 0.19 15.66 8.46
N ALA A 259 -0.10 14.62 7.69
CA ALA A 259 -1.40 13.91 7.83
C ALA A 259 -1.57 13.22 9.18
N GLY A 260 -0.51 12.65 9.72
CA GLY A 260 -0.58 11.97 11.02
C GLY A 260 -0.87 12.93 12.16
N LYS A 261 -0.31 14.12 12.05
CA LYS A 261 -0.48 15.23 12.98
C LYS A 261 -1.96 15.71 13.05
N HIS A 262 -2.68 15.61 11.93
CA HIS A 262 -4.07 16.07 11.85
C HIS A 262 -5.11 14.94 11.96
N GLY A 263 -4.61 13.69 12.12
CA GLY A 263 -5.47 12.54 12.37
C GLY A 263 -6.04 11.91 11.12
N VAL A 264 -5.40 12.19 9.99
CA VAL A 264 -5.87 11.80 8.62
C VAL A 264 -5.43 10.40 8.22
N GLY A 265 -6.35 9.61 7.64
CA GLY A 265 -5.97 8.33 7.03
C GLY A 265 -6.49 7.07 7.68
N ARG A 266 -7.52 7.22 8.51
CA ARG A 266 -8.06 6.11 9.32
C ARG A 266 -9.25 5.45 8.64
N ILE A 267 -9.16 4.15 8.45
CA ILE A 267 -10.33 3.39 8.00
C ILE A 267 -10.61 2.13 8.87
N ASP A 268 -11.85 1.67 8.84
CA ASP A 268 -12.25 0.42 9.45
C ASP A 268 -13.11 -0.33 8.46
N ILE A 269 -12.60 -1.46 8.00
CA ILE A 269 -13.21 -2.19 6.88
C ILE A 269 -13.23 -3.70 7.05
N VAL A 270 -14.18 -4.32 6.36
CA VAL A 270 -14.16 -5.75 6.12
C VAL A 270 -13.84 -5.93 4.64
N GLU A 271 -12.82 -6.75 4.38
CA GLU A 271 -12.28 -7.01 3.04
C GLU A 271 -12.28 -8.50 2.69
N ASN A 272 -12.23 -8.80 1.39
CA ASN A 272 -12.23 -10.19 0.96
C ASN A 272 -10.95 -10.72 0.31
N ARG A 273 -10.43 -11.87 0.72
CA ARG A 273 -9.04 -12.07 1.06
C ARG A 273 -8.95 -12.88 -0.26
N PHE A 274 -7.77 -13.06 -0.84
CA PHE A 274 -7.67 -13.82 -2.12
C PHE A 274 -8.12 -15.28 -2.01
N ILE A 275 -7.81 -15.93 -0.89
CA ILE A 275 -8.33 -17.30 -0.63
C ILE A 275 -9.84 -17.36 -0.35
N GLY A 276 -10.50 -16.22 -0.18
CA GLY A 276 -11.98 -16.20 -0.09
C GLY A 276 -12.61 -16.02 1.29
N MET A 277 -11.77 -15.83 2.31
CA MET A 277 -12.25 -15.48 3.63
C MET A 277 -12.38 -13.96 3.72
N LYS A 278 -13.48 -13.52 4.31
CA LYS A 278 -13.65 -12.12 4.66
C LYS A 278 -12.81 -11.86 5.90
N SER A 279 -12.18 -10.69 5.94
CA SER A 279 -11.35 -10.32 7.08
C SER A 279 -11.61 -8.89 7.51
N ARG A 280 -11.48 -8.62 8.81
CA ARG A 280 -11.69 -7.28 9.38
C ARG A 280 -10.39 -6.58 9.75
N GLY A 281 -10.20 -5.39 9.17
CA GLY A 281 -8.95 -4.68 9.28
C GLY A 281 -9.19 -3.19 9.45
N ILE A 282 -8.36 -2.58 10.27
CA ILE A 282 -8.32 -1.16 10.32
C ILE A 282 -6.93 -0.67 9.88
N TYR A 283 -6.92 0.47 9.19
CA TYR A 283 -5.74 0.95 8.53
C TYR A 283 -5.48 2.40 8.84
N GLU A 284 -4.20 2.77 8.84
CA GLU A 284 -3.76 4.17 8.95
C GLU A 284 -2.80 4.46 7.80
N THR A 285 -3.28 5.24 6.83
CA THR A 285 -2.57 5.57 5.60
C THR A 285 -2.57 7.08 5.42
N PRO A 286 -1.72 7.79 6.18
CA PRO A 286 -1.84 9.22 6.23
C PRO A 286 -1.49 9.93 4.93
N ALA A 287 -0.22 9.88 4.50
CA ALA A 287 0.23 10.48 3.24
C ALA A 287 -0.55 9.95 2.02
N GLY A 288 -0.73 8.61 1.99
CA GLY A 288 -1.49 7.95 0.97
C GLY A 288 -2.88 8.55 0.83
N THR A 289 -3.51 8.92 1.95
CA THR A 289 -4.85 9.48 1.89
C THR A 289 -4.86 10.89 1.27
N ILE A 290 -3.80 11.67 1.48
CA ILE A 290 -3.69 13.04 0.97
C ILE A 290 -3.48 12.99 -0.54
N LEU A 291 -2.61 12.08 -0.92
CA LEU A 291 -2.19 11.93 -2.30
C LEU A 291 -3.26 11.29 -3.17
N TYR A 292 -4.06 10.41 -2.57
CA TYR A 292 -5.17 9.79 -3.25
C TYR A 292 -6.13 10.86 -3.78
N HIS A 293 -6.48 11.77 -2.88
CA HIS A 293 -7.37 12.88 -3.15
C HIS A 293 -6.77 13.98 -4.02
N ALA A 294 -5.53 14.39 -3.72
CA ALA A 294 -4.82 15.38 -4.56
C ALA A 294 -4.67 14.95 -6.03
N HIS A 295 -4.23 13.70 -6.22
CA HIS A 295 -4.00 13.14 -7.53
C HIS A 295 -5.27 13.00 -8.36
N LEU A 296 -6.35 12.59 -7.73
CA LEU A 296 -7.67 12.49 -8.36
C LEU A 296 -8.05 13.84 -8.91
N ASP A 297 -7.82 14.87 -8.10
CA ASP A 297 -8.15 16.23 -8.50
C ASP A 297 -7.33 16.71 -9.70
N ILE A 298 -6.03 16.38 -9.72
CA ILE A 298 -5.14 16.81 -10.78
C ILE A 298 -5.26 16.00 -12.09
N GLU A 299 -5.54 14.69 -11.98
CA GLU A 299 -5.83 13.93 -13.22
C GLU A 299 -7.16 14.32 -13.84
N ALA A 300 -8.16 14.57 -13.00
CA ALA A 300 -9.47 15.04 -13.48
C ALA A 300 -9.42 16.37 -14.20
N PHE A 301 -8.47 17.24 -13.81
CA PHE A 301 -8.26 18.58 -14.40
C PHE A 301 -7.48 18.56 -15.74
N THR A 302 -6.74 17.49 -15.95
CA THR A 302 -5.76 17.41 -17.02
C THR A 302 -5.99 16.25 -17.95
N MET A 303 -7.04 15.46 -17.68
CA MET A 303 -7.30 14.29 -18.48
C MET A 303 -8.60 14.42 -19.31
N ASP A 304 -8.57 13.80 -20.49
CA ASP A 304 -9.73 13.76 -21.33
C ASP A 304 -10.74 12.89 -20.65
N ARG A 305 -12.01 13.25 -20.83
CA ARG A 305 -13.09 12.58 -20.13
C ARG A 305 -13.13 11.09 -20.45
N GLU A 306 -12.85 10.76 -21.71
CA GLU A 306 -13.06 9.42 -22.18
C GLU A 306 -11.80 8.60 -21.99
N VAL A 307 -10.64 9.24 -22.05
CA VAL A 307 -9.43 8.53 -21.63
C VAL A 307 -9.65 8.07 -20.17
N ARG A 308 -10.25 8.93 -19.35
CA ARG A 308 -10.38 8.70 -17.91
C ARG A 308 -11.13 7.43 -17.51
N LYS A 309 -12.24 7.12 -18.19
CA LYS A 309 -13.07 5.95 -17.84
C LYS A 309 -12.43 4.65 -18.26
N ILE A 310 -11.70 4.67 -19.36
CA ILE A 310 -10.91 3.54 -19.82
C ILE A 310 -9.75 3.33 -18.86
N LYS A 311 -9.11 4.44 -18.49
CA LYS A 311 -7.98 4.41 -17.57
C LYS A 311 -8.39 3.90 -16.20
N GLN A 312 -9.57 4.31 -15.75
CA GLN A 312 -10.04 3.93 -14.42
C GLN A 312 -10.42 2.46 -14.31
N GLY A 313 -10.78 1.86 -15.45
CA GLY A 313 -11.04 0.43 -15.51
C GLY A 313 -9.72 -0.29 -15.33
N LEU A 314 -8.66 0.25 -15.92
CA LEU A 314 -7.33 -0.37 -15.85
C LEU A 314 -6.81 -0.30 -14.41
N GLY A 315 -6.96 0.87 -13.77
CA GLY A 315 -6.64 1.05 -12.36
C GLY A 315 -7.35 0.06 -11.45
N LEU A 316 -8.66 -0.09 -11.67
CA LEU A 316 -9.44 -1.07 -10.93
C LEU A 316 -8.80 -2.43 -11.06
N LYS A 317 -8.35 -2.73 -12.27
CA LYS A 317 -7.70 -4.00 -12.55
C LYS A 317 -6.38 -4.07 -11.80
N PHE A 318 -5.58 -3.00 -11.90
CA PHE A 318 -4.35 -2.83 -11.09
C PHE A 318 -4.55 -3.09 -9.59
N ALA A 319 -5.61 -2.54 -9.01
CA ALA A 319 -5.84 -2.67 -7.57
C ALA A 319 -6.04 -4.14 -7.14
N GLU A 320 -6.81 -4.88 -7.95
CA GLU A 320 -7.09 -6.27 -7.72
C GLU A 320 -5.85 -7.16 -7.95
N LEU A 321 -5.01 -6.77 -8.91
CA LEU A 321 -3.82 -7.56 -9.24
C LEU A 321 -2.76 -7.44 -8.16
N VAL A 322 -2.56 -6.23 -7.68
CA VAL A 322 -1.72 -5.96 -6.53
C VAL A 322 -2.24 -6.64 -5.20
N TYR A 323 -3.53 -6.47 -4.89
CA TYR A 323 -4.09 -7.10 -3.68
C TYR A 323 -3.90 -8.61 -3.63
N THR A 324 -4.15 -9.26 -4.77
CA THR A 324 -4.07 -10.73 -4.85
C THR A 324 -2.65 -11.26 -5.03
N GLY A 325 -1.67 -10.41 -5.34
CA GLY A 325 -0.28 -10.84 -5.37
C GLY A 325 0.33 -10.99 -6.73
N PHE A 326 -0.30 -10.39 -7.74
CA PHE A 326 0.13 -10.52 -9.13
C PHE A 326 0.88 -9.32 -9.70
N TRP A 327 1.64 -8.61 -8.86
CA TRP A 327 2.44 -7.49 -9.35
C TRP A 327 3.39 -7.96 -10.42
N HIS A 328 4.10 -9.06 -10.14
CA HIS A 328 5.05 -9.59 -11.09
C HIS A 328 4.33 -10.56 -12.00
N SER A 329 3.54 -10.02 -12.91
CA SER A 329 2.84 -10.86 -13.89
C SER A 329 2.76 -10.11 -15.22
N PRO A 330 2.60 -10.83 -16.35
CA PRO A 330 2.40 -10.08 -17.58
C PRO A 330 1.18 -9.16 -17.51
N GLU A 331 0.08 -9.57 -16.87
CA GLU A 331 -1.11 -8.71 -16.88
C GLU A 331 -0.97 -7.39 -16.07
N CYS A 332 -0.28 -7.46 -14.93
CA CYS A 332 -0.03 -6.24 -14.16
C CYS A 332 1.03 -5.37 -14.87
N GLU A 333 1.95 -6.01 -15.57
CA GLU A 333 2.96 -5.25 -16.27
C GLU A 333 2.36 -4.43 -17.43
N PHE A 334 1.54 -5.08 -18.27
CA PHE A 334 0.73 -4.42 -19.29
C PHE A 334 -0.17 -3.32 -18.70
N VAL A 335 -0.84 -3.60 -17.58
CA VAL A 335 -1.73 -2.63 -16.94
C VAL A 335 -0.96 -1.42 -16.40
N ARG A 336 0.16 -1.66 -15.73
CA ARG A 336 1.02 -0.57 -15.26
C ARG A 336 1.53 0.31 -16.42
N HIS A 337 1.78 -0.32 -17.56
CA HIS A 337 2.27 0.36 -18.73
C HIS A 337 1.19 1.28 -19.29
N CYS A 338 -0.03 0.77 -19.38
CA CYS A 338 -1.21 1.54 -19.89
C CYS A 338 -1.58 2.71 -18.99
N ILE A 339 -1.58 2.45 -17.68
CA ILE A 339 -1.75 3.47 -16.64
C ILE A 339 -0.69 4.57 -16.68
N ALA A 340 0.59 4.19 -16.81
CA ALA A 340 1.71 5.14 -16.99
C ALA A 340 1.52 6.06 -18.20
N LYS A 341 0.99 5.48 -19.28
CA LYS A 341 0.85 6.16 -20.55
C LYS A 341 -0.21 7.25 -20.45
N SER A 342 -1.32 6.94 -19.79
CA SER A 342 -2.39 7.92 -19.49
C SER A 342 -1.91 9.13 -18.67
N GLN A 343 -0.81 8.96 -17.92
CA GLN A 343 -0.38 9.99 -16.96
C GLN A 343 0.57 11.02 -17.55
N GLU A 344 0.93 10.85 -18.82
CA GLU A 344 1.91 11.72 -19.47
C GLU A 344 1.67 13.20 -19.29
N ARG A 345 0.41 13.62 -19.29
CA ARG A 345 0.02 15.02 -19.10
C ARG A 345 -0.50 15.33 -17.68
N VAL A 346 -0.50 14.34 -16.79
CA VAL A 346 -1.01 14.55 -15.47
C VAL A 346 0.04 15.31 -14.65
N GLU A 347 -0.15 16.63 -14.58
CA GLU A 347 0.79 17.55 -13.95
C GLU A 347 0.10 18.86 -13.62
N GLY A 348 0.58 19.50 -12.56
CA GLY A 348 0.07 20.79 -12.10
C GLY A 348 0.22 20.88 -10.59
N LYS A 349 -0.61 21.72 -9.98
CA LYS A 349 -0.49 22.09 -8.57
C LYS A 349 -1.86 22.02 -7.89
N VAL A 350 -1.93 21.34 -6.76
CA VAL A 350 -3.18 21.21 -6.04
C VAL A 350 -2.99 21.85 -4.67
N GLN A 351 -3.91 22.75 -4.36
CA GLN A 351 -3.96 23.37 -3.05
C GLN A 351 -4.91 22.54 -2.19
N VAL A 352 -4.43 22.12 -1.02
CA VAL A 352 -5.16 21.17 -0.13
C VAL A 352 -5.04 21.63 1.31
N SER A 353 -6.03 21.24 2.12
CA SER A 353 -6.04 21.58 3.53
C SER A 353 -6.22 20.31 4.33
N VAL A 354 -5.44 20.21 5.40
CA VAL A 354 -5.35 19.02 6.22
C VAL A 354 -5.76 19.44 7.62
N LEU A 355 -6.92 18.94 8.07
CA LEU A 355 -7.51 19.35 9.32
C LEU A 355 -8.49 18.29 9.85
N LYS A 356 -8.30 17.89 11.11
CA LYS A 356 -9.28 17.10 11.90
C LYS A 356 -9.73 15.84 11.17
N GLY A 357 -8.76 15.04 10.75
CA GLY A 357 -9.04 13.73 10.15
C GLY A 357 -9.57 13.78 8.73
N GLN A 358 -9.58 14.98 8.14
CA GLN A 358 -10.02 15.15 6.76
C GLN A 358 -9.02 15.93 5.92
N VAL A 359 -8.94 15.58 4.64
CA VAL A 359 -8.26 16.35 3.60
C VAL A 359 -9.30 17.10 2.76
N TYR A 360 -9.01 18.35 2.41
CA TYR A 360 -9.85 19.19 1.54
C TYR A 360 -9.08 19.74 0.36
N ILE A 361 -9.63 19.58 -0.85
CA ILE A 361 -9.15 20.24 -2.06
C ILE A 361 -9.60 21.71 -2.08
N LEU A 362 -8.68 22.63 -2.29
CA LEU A 362 -8.98 24.07 -2.23
C LEU A 362 -8.96 24.74 -3.60
N GLY A 363 -8.13 24.22 -4.50
CA GLY A 363 -7.98 24.76 -5.82
C GLY A 363 -6.92 23.98 -6.57
N ARG A 364 -6.72 24.31 -7.84
CA ARG A 364 -5.78 23.62 -8.67
C ARG A 364 -5.52 24.45 -9.95
N GLU A 365 -4.41 24.15 -10.60
CA GLU A 365 -3.93 24.83 -11.76
C GLU A 365 -2.91 23.92 -12.43
N SER A 366 -2.68 24.18 -13.71
CA SER A 366 -1.85 23.32 -14.54
C SER A 366 -1.70 23.97 -15.90
N PRO A 367 -0.46 24.01 -16.43
CA PRO A 367 -0.19 24.45 -17.80
C PRO A 367 -0.69 23.47 -18.87
N LEU A 368 -1.02 22.24 -18.44
CA LEU A 368 -1.62 21.20 -19.30
C LEU A 368 -3.13 20.93 -19.02
N SER A 369 -3.72 21.85 -18.26
CA SER A 369 -5.15 21.94 -18.05
C SER A 369 -5.97 21.74 -19.31
N LEU A 370 -7.04 20.93 -19.20
CA LEU A 370 -8.05 20.80 -20.25
C LEU A 370 -9.28 21.65 -19.91
N TYR A 371 -9.11 22.51 -18.91
CA TYR A 371 -10.15 23.40 -18.48
C TYR A 371 -10.17 24.65 -19.37
N ASN A 372 -11.37 25.12 -19.68
CA ASN A 372 -11.57 26.36 -20.43
C ASN A 372 -12.56 27.24 -19.71
N GLU A 373 -12.01 28.17 -18.95
CA GLU A 373 -12.76 29.11 -18.17
C GLU A 373 -13.76 29.87 -19.04
N GLU A 374 -13.28 30.33 -20.21
CA GLU A 374 -14.04 31.20 -21.11
C GLU A 374 -15.24 30.50 -21.74
N LEU A 375 -15.01 29.26 -22.17
CA LEU A 375 -16.02 28.41 -22.79
C LEU A 375 -17.16 28.01 -21.86
N VAL A 376 -16.82 27.63 -20.63
CA VAL A 376 -17.83 27.20 -19.64
C VAL A 376 -18.59 28.39 -19.01
N SER A 377 -18.10 29.60 -19.24
CA SER A 377 -18.67 30.81 -18.66
C SER A 377 -20.19 30.84 -18.71
N ASN A 379 -22.23 33.54 -18.67
CA ASN A 379 -22.40 34.99 -18.63
C ASN A 379 -21.86 35.67 -19.89
N VAL A 380 -21.01 34.94 -20.62
CA VAL A 380 -20.41 35.46 -21.84
C VAL A 380 -20.30 34.37 -22.90
N GLN A 381 -21.18 34.07 -23.35
CA GLN A 381 -21.16 33.58 -24.72
C GLN A 381 -20.05 32.56 -24.93
N GLY A 382 -19.43 33.08 -25.79
CA GLY A 382 -18.10 32.69 -26.24
C GLY A 382 -18.13 31.70 -27.38
N ASP A 383 -17.11 30.88 -27.49
CA ASP A 383 -17.03 29.87 -28.54
C ASP A 383 -18.01 28.73 -28.29
N TYR A 384 -19.28 28.98 -28.60
CA TYR A 384 -20.29 28.00 -28.41
C TYR A 384 -21.54 28.38 -29.18
N GLU A 385 -22.25 27.40 -29.66
CA GLU A 385 -23.51 27.62 -30.26
C GLU A 385 -24.62 26.90 -29.52
N PRO A 386 -25.42 27.64 -28.77
CA PRO A 386 -26.48 27.02 -27.95
C PRO A 386 -27.49 26.18 -28.75
N THR A 387 -27.67 26.53 -30.01
CA THR A 387 -28.49 25.79 -30.97
C THR A 387 -28.00 24.34 -31.24
N ASP A 388 -26.72 24.05 -31.03
CA ASP A 388 -26.13 22.74 -31.20
C ASP A 388 -26.60 21.53 -30.36
N ALA A 389 -26.76 21.93 -29.11
CA ALA A 389 -27.20 21.27 -27.93
C ALA A 389 -28.59 20.85 -28.05
N THR A 390 -29.40 21.66 -28.72
CA THR A 390 -30.72 21.32 -29.06
C THR A 390 -30.73 20.09 -29.98
N GLY A 391 -29.89 20.05 -30.98
CA GLY A 391 -29.72 18.90 -31.83
C GLY A 391 -29.19 17.64 -31.13
N PHE A 392 -28.21 17.85 -30.26
CA PHE A 392 -27.60 16.86 -29.36
C PHE A 392 -28.61 16.22 -28.44
N ILE A 393 -29.48 17.02 -27.83
CA ILE A 393 -30.55 16.49 -26.97
C ILE A 393 -31.53 15.70 -27.82
N ASN A 394 -31.96 16.30 -28.93
CA ASN A 394 -33.01 15.75 -29.76
C ASN A 394 -32.67 14.43 -30.42
N ILE A 395 -31.40 14.24 -30.77
CA ILE A 395 -31.04 12.95 -31.28
C ILE A 395 -30.70 11.92 -30.18
N ASN A 396 -30.16 12.37 -29.05
CA ASN A 396 -30.06 11.45 -27.90
C ASN A 396 -31.42 10.89 -27.45
N SER A 397 -32.50 11.66 -27.70
CA SER A 397 -33.88 11.25 -27.36
C SER A 397 -34.53 10.29 -28.38
N LEU A 398 -34.13 10.39 -29.64
CA LEU A 398 -34.65 9.51 -30.67
C LEU A 398 -34.72 8.02 -30.20
N ARG A 399 -33.61 7.43 -29.74
CA ARG A 399 -33.62 6.07 -29.10
C ARG A 399 -34.91 5.81 -28.32
N LEU A 400 -35.44 6.75 -27.54
CA LEU A 400 -35.60 6.79 -26.11
C LEU A 400 -37.13 6.92 -26.29
N LYS A 401 -37.51 7.89 -27.14
CA LYS A 401 -38.82 7.95 -27.78
C LYS A 401 -39.14 6.78 -28.70
N GLU A 402 -38.15 6.16 -29.34
CA GLU A 402 -38.48 4.93 -30.10
C GLU A 402 -39.13 3.91 -29.15
N TYR A 403 -38.68 3.78 -27.90
CA TYR A 403 -38.25 2.55 -27.32
C TYR A 403 -39.58 2.55 -26.50
N HIS A 404 -40.08 3.76 -26.22
CA HIS A 404 -41.34 3.99 -25.52
C HIS A 404 -42.54 3.64 -26.41
N ARG A 405 -42.55 4.17 -27.64
CA ARG A 405 -43.60 3.90 -28.61
C ARG A 405 -43.72 2.40 -28.91
N LEU A 406 -42.59 1.69 -28.86
CA LEU A 406 -42.51 0.31 -29.33
C LEU A 406 -42.60 -0.74 -28.23
N GLN A 407 -42.62 -0.31 -26.97
CA GLN A 407 -43.14 -1.14 -25.90
C GLN A 407 -44.47 -0.56 -25.34
N SER A 408 -45.22 0.16 -26.17
CA SER A 408 -46.43 0.85 -25.72
C SER A 408 -47.67 0.00 -25.92
#